data_4NWC
#
_entry.id   4NWC
#
_cell.length_a   67.810
_cell.length_b   67.810
_cell.length_c   126.770
_cell.angle_alpha   90.00
_cell.angle_beta   90.00
_cell.angle_gamma   90.00
#
_symmetry.space_group_name_H-M   'P 41 2 2'
#
loop_
_entity.id
_entity.type
_entity.pdbx_description
1 polymer 'Glutamate receptor ionotropic, kainate 3'
2 non-polymer 'POTASSIUM ION'
3 non-polymer 'PHOSPHATE ION'
4 non-polymer 'CHLORIDE ION'
5 non-polymer '(2S,4R)-4-(3-Methoxy-3-oxopropyl) glutamic acid'
6 water water
#
_entity_poly.entity_id   1
_entity_poly.type   'polypeptide(L)'
_entity_poly.pdbx_seq_one_letter_code
;GPGTNRSLIVTTLLEEPFVMFRKSDRTLYGNDRFEGYCIDLLKELAHILGFSYEIRLVEDGKYGAQDDKGQWNGMVKELI
DHKADLAVAPLTITHVREKAIDFSKPFMTLGVSILYRKGTPIDSADDLAKQTKIEYGAVKDGATMTFFKKSKISTFEKMW
AFMSSKPSALVKNNEEGIQRTLTADYALLMESTTIEYITQRNCNLTQIGGLIDSKGYGIGTPMGSPYRDKITIAILQLQE
EDKLHIMKEKWWRGSGCP
;
_entity_poly.pdbx_strand_id   A
#
# COMPACT_ATOMS: atom_id res chain seq x y z
N THR A 4 21.32 -11.01 19.27
CA THR A 4 21.61 -10.68 17.88
C THR A 4 21.83 -9.17 17.70
N ASN A 5 23.02 -8.80 17.23
CA ASN A 5 23.42 -7.40 17.14
C ASN A 5 23.34 -6.78 15.75
N ARG A 6 23.30 -7.60 14.70
CA ARG A 6 23.41 -7.09 13.33
C ARG A 6 22.24 -6.18 12.95
N SER A 7 22.48 -5.31 11.96
CA SER A 7 21.43 -4.43 11.47
C SER A 7 20.46 -5.24 10.64
N LEU A 8 19.18 -4.90 10.76
CA LEU A 8 18.17 -5.63 10.03
C LEU A 8 18.10 -5.06 8.61
N ILE A 9 17.88 -5.93 7.63
CA ILE A 9 17.68 -5.45 6.27
C ILE A 9 16.21 -5.15 6.10
N VAL A 10 15.88 -3.92 5.71
CA VAL A 10 14.50 -3.50 5.55
C VAL A 10 14.21 -3.28 4.07
N THR A 11 13.26 -4.02 3.52
CA THR A 11 12.87 -3.81 2.14
C THR A 11 11.66 -2.88 2.10
N THR A 12 11.60 -2.06 1.07
CA THR A 12 10.52 -1.09 0.99
C THR A 12 10.32 -0.63 -0.46
N LEU A 13 9.40 0.31 -0.63
CA LEU A 13 8.94 0.73 -1.95
C LEU A 13 8.64 2.21 -1.82
N LEU A 14 8.87 2.98 -2.87
CA LEU A 14 8.53 4.40 -2.82
C LEU A 14 7.02 4.54 -2.94
N GLU A 15 6.41 5.21 -1.98
CA GLU A 15 4.95 5.35 -1.96
C GLU A 15 4.58 6.50 -1.04
N GLU A 16 4.23 7.62 -1.63
CA GLU A 16 3.86 8.81 -0.87
C GLU A 16 2.54 8.59 -0.12
N PRO A 17 2.48 9.00 1.17
CA PRO A 17 3.51 9.68 1.96
C PRO A 17 4.18 8.71 2.92
N PHE A 18 4.16 7.43 2.61
CA PHE A 18 4.72 6.43 3.50
C PHE A 18 6.24 6.35 3.42
N VAL A 19 6.75 6.29 2.20
CA VAL A 19 8.18 6.21 1.98
C VAL A 19 8.53 7.10 0.81
N MET A 20 9.37 8.10 1.04
CA MET A 20 9.75 9.02 -0.03
C MET A 20 11.24 9.35 0.03
N PHE A 21 11.78 9.80 -1.10
CA PHE A 21 13.14 10.31 -1.13
C PHE A 21 13.12 11.71 -0.54
N ARG A 22 13.81 11.87 0.58
CA ARG A 22 13.98 13.16 1.23
C ARG A 22 14.57 14.19 0.26
N LYS A 23 14.11 15.44 0.35
CA LYS A 23 14.62 16.51 -0.50
C LYS A 23 15.83 17.18 0.14
N SER A 24 16.90 17.35 -0.64
CA SER A 24 18.14 17.97 -0.16
C SER A 24 18.98 18.43 -1.33
N ASP A 25 19.81 19.44 -1.12
CA ASP A 25 20.78 19.88 -2.13
C ASP A 25 21.97 18.93 -2.27
N ARG A 26 22.27 18.20 -1.19
CA ARG A 26 23.38 17.25 -1.16
C ARG A 26 22.96 15.98 -1.85
N THR A 27 23.91 15.20 -2.35
CA THR A 27 23.57 13.83 -2.74
C THR A 27 23.52 12.98 -1.48
N LEU A 28 22.34 12.46 -1.16
CA LEU A 28 22.16 11.65 0.04
C LEU A 28 22.45 10.17 -0.23
N TYR A 29 22.76 9.44 0.83
CA TYR A 29 23.03 8.02 0.72
C TYR A 29 22.60 7.32 2.00
N GLY A 30 22.46 6.00 1.95
CA GLY A 30 22.05 5.25 3.13
C GLY A 30 20.63 5.57 3.57
N ASN A 31 20.34 5.34 4.84
CA ASN A 31 19.00 5.52 5.37
C ASN A 31 18.52 6.97 5.27
N ASP A 32 19.47 7.89 5.28
CA ASP A 32 19.19 9.34 5.22
C ASP A 32 18.44 9.76 3.95
N ARG A 33 18.48 8.90 2.92
CA ARG A 33 17.76 9.15 1.68
C ARG A 33 16.25 9.20 1.87
N PHE A 34 15.75 8.54 2.92
CA PHE A 34 14.31 8.24 3.06
C PHE A 34 13.59 9.02 4.17
N GLU A 35 12.33 9.36 3.91
CA GLU A 35 11.46 9.94 4.93
C GLU A 35 10.01 9.52 4.67
N GLY A 36 9.14 9.75 5.65
CA GLY A 36 7.72 9.49 5.44
C GLY A 36 7.12 8.75 6.62
N TYR A 37 5.83 8.46 6.54
CA TYR A 37 5.15 7.81 7.67
C TYR A 37 5.85 6.52 8.07
N CYS A 38 6.16 5.67 7.10
CA CYS A 38 6.77 4.37 7.43
C CYS A 38 8.19 4.48 7.98
N ILE A 39 8.91 5.52 7.59
CA ILE A 39 10.25 5.74 8.11
C ILE A 39 10.18 6.24 9.56
N ASP A 40 9.19 7.09 9.85
CA ASP A 40 8.96 7.49 11.23
C ASP A 40 8.59 6.30 12.10
N LEU A 41 7.75 5.41 11.58
CA LEU A 41 7.38 4.22 12.35
C LEU A 41 8.61 3.33 12.58
N LEU A 42 9.39 3.10 11.52
CA LEU A 42 10.60 2.30 11.66
C LEU A 42 11.57 2.89 12.70
N LYS A 43 11.77 4.21 12.65
CA LYS A 43 12.63 4.86 13.65
C LYS A 43 12.12 4.67 15.07
N GLU A 44 10.82 4.81 15.26
CA GLU A 44 10.23 4.61 16.58
C GLU A 44 10.41 3.17 17.10
N LEU A 45 10.17 2.19 16.23
CA LEU A 45 10.37 0.78 16.59
C LEU A 45 11.84 0.48 16.89
N ALA A 46 12.72 1.05 16.08
CA ALA A 46 14.16 0.86 16.25
C ALA A 46 14.63 1.42 17.60
N HIS A 47 14.10 2.58 17.98
CA HIS A 47 14.36 3.20 19.27
C HIS A 47 13.84 2.34 20.44
N ILE A 48 12.57 1.99 20.38
CA ILE A 48 11.93 1.18 21.42
C ILE A 48 12.60 -0.18 21.61
N LEU A 49 12.92 -0.84 20.51
CA LEU A 49 13.40 -2.22 20.55
C LEU A 49 14.93 -2.30 20.49
N GLY A 50 15.58 -1.17 20.23
CA GLY A 50 17.03 -1.12 20.20
C GLY A 50 17.67 -1.94 19.09
N PHE A 51 17.25 -1.72 17.85
CA PHE A 51 17.91 -2.33 16.70
C PHE A 51 18.28 -1.28 15.66
N SER A 52 19.21 -1.63 14.78
CA SER A 52 19.58 -0.78 13.67
C SER A 52 19.23 -1.48 12.37
N TYR A 53 19.27 -0.76 11.26
CA TYR A 53 18.75 -1.32 10.03
C TYR A 53 19.39 -0.68 8.82
N GLU A 54 19.29 -1.34 7.68
CA GLU A 54 19.67 -0.75 6.40
C GLU A 54 18.49 -0.87 5.45
N ILE A 55 17.96 0.26 5.00
CA ILE A 55 16.81 0.29 4.10
C ILE A 55 17.25 0.05 2.66
N ARG A 56 16.54 -0.85 1.96
CA ARG A 56 16.79 -1.11 0.55
C ARG A 56 15.48 -1.11 -0.22
N LEU A 57 15.47 -0.51 -1.41
CA LEU A 57 14.29 -0.53 -2.26
C LEU A 57 14.18 -1.88 -2.97
N VAL A 58 12.98 -2.46 -2.98
CA VAL A 58 12.81 -3.74 -3.69
C VAL A 58 13.02 -3.53 -5.18
N GLU A 59 13.86 -4.36 -5.79
CA GLU A 59 14.24 -4.17 -7.19
C GLU A 59 13.07 -4.07 -8.16
N ASP A 60 12.10 -4.98 -8.07
CA ASP A 60 11.04 -5.00 -9.07
C ASP A 60 9.93 -3.98 -8.81
N GLY A 61 10.01 -3.27 -7.69
CA GLY A 61 9.05 -2.22 -7.37
C GLY A 61 7.63 -2.69 -7.10
N LYS A 62 7.47 -3.98 -6.77
CA LYS A 62 6.15 -4.58 -6.56
CA LYS A 62 6.15 -4.57 -6.56
C LYS A 62 5.88 -4.92 -5.09
N TYR A 63 4.61 -4.94 -4.71
CA TYR A 63 4.24 -5.31 -3.35
C TYR A 63 4.33 -6.83 -3.21
N GLY A 64 3.59 -7.55 -4.05
CA GLY A 64 3.74 -8.99 -4.12
C GLY A 64 2.46 -9.76 -4.41
N ALA A 65 2.50 -10.60 -5.44
CA ALA A 65 1.39 -11.47 -5.75
C ALA A 65 1.93 -12.74 -6.38
N GLN A 66 1.05 -13.72 -6.58
CA GLN A 66 1.43 -15.01 -7.16
C GLN A 66 1.17 -15.07 -8.65
N ASP A 67 2.08 -15.71 -9.38
CA ASP A 67 1.84 -16.00 -10.77
C ASP A 67 1.10 -17.33 -10.87
N ASP A 68 0.81 -17.78 -12.08
CA ASP A 68 0.07 -19.02 -12.26
C ASP A 68 0.85 -20.25 -11.76
N LYS A 69 2.17 -20.14 -11.68
CA LYS A 69 3.02 -21.19 -11.12
C LYS A 69 3.06 -21.16 -9.59
N GLY A 70 2.40 -20.16 -9.01
CA GLY A 70 2.37 -20.03 -7.56
C GLY A 70 3.53 -19.24 -6.98
N GLN A 71 4.46 -18.85 -7.85
CA GLN A 71 5.65 -18.08 -7.43
C GLN A 71 5.31 -16.62 -7.09
N TRP A 72 5.93 -16.10 -6.03
CA TRP A 72 5.70 -14.73 -5.58
C TRP A 72 6.71 -13.76 -6.17
N ASN A 73 6.35 -12.49 -6.21
CA ASN A 73 7.31 -11.46 -6.58
C ASN A 73 7.23 -10.33 -5.57
N GLY A 74 7.97 -9.25 -5.81
CA GLY A 74 7.87 -8.06 -4.99
C GLY A 74 8.50 -8.18 -3.61
N MET A 75 8.05 -7.35 -2.68
CA MET A 75 8.55 -7.42 -1.31
C MET A 75 8.25 -8.77 -0.67
N VAL A 76 7.12 -9.37 -1.05
CA VAL A 76 6.76 -10.66 -0.46
C VAL A 76 7.85 -11.68 -0.76
N LYS A 77 8.28 -11.73 -2.01
CA LYS A 77 9.35 -12.64 -2.44
C LYS A 77 10.66 -12.35 -1.72
N GLU A 78 10.96 -11.08 -1.50
CA GLU A 78 12.18 -10.70 -0.77
C GLU A 78 12.20 -11.34 0.60
N LEU A 79 11.06 -11.32 1.28
CA LEU A 79 10.92 -11.93 2.60
C LEU A 79 11.01 -13.45 2.52
N ILE A 80 10.31 -14.05 1.56
CA ILE A 80 10.39 -15.51 1.35
C ILE A 80 11.82 -15.99 1.18
N ASP A 81 12.61 -15.27 0.38
CA ASP A 81 14.00 -15.67 0.10
C ASP A 81 14.92 -15.26 1.25
N HIS A 82 14.38 -14.58 2.26
CA HIS A 82 15.17 -14.01 3.33
C HIS A 82 16.25 -13.04 2.83
N LYS A 83 15.90 -12.22 1.83
CA LYS A 83 16.77 -11.15 1.34
C LYS A 83 16.56 -9.91 2.21
N ALA A 84 15.48 -9.92 2.98
CA ALA A 84 15.17 -8.84 3.91
C ALA A 84 14.69 -9.43 5.22
N ASP A 85 14.88 -8.70 6.31
CA ASP A 85 14.36 -9.10 7.61
C ASP A 85 12.95 -8.54 7.84
N LEU A 86 12.69 -7.36 7.31
CA LEU A 86 11.41 -6.69 7.49
C LEU A 86 11.01 -6.05 6.18
N ALA A 87 9.71 -6.05 5.89
CA ALA A 87 9.18 -5.20 4.83
C ALA A 87 8.46 -4.07 5.53
N VAL A 88 8.95 -2.84 5.38
CA VAL A 88 8.33 -1.71 6.04
C VAL A 88 7.76 -0.82 4.96
N ALA A 89 6.44 -0.88 4.79
CA ALA A 89 5.76 -0.24 3.68
C ALA A 89 4.28 -0.33 3.95
N PRO A 90 3.45 0.39 3.18
CA PRO A 90 2.02 0.12 3.38
C PRO A 90 1.66 -1.24 2.80
N LEU A 91 2.09 -2.30 3.50
CA LEU A 91 1.91 -3.68 3.02
C LEU A 91 0.63 -4.29 3.58
N THR A 92 -0.29 -4.64 2.70
CA THR A 92 -1.60 -5.11 3.14
C THR A 92 -1.52 -6.53 3.70
N ILE A 93 -2.11 -6.70 4.89
CA ILE A 93 -2.15 -8.00 5.55
C ILE A 93 -3.28 -8.82 4.94
N THR A 94 -2.93 -9.94 4.31
CA THR A 94 -3.95 -10.79 3.69
C THR A 94 -3.66 -12.24 4.00
N HIS A 95 -4.69 -13.05 4.04
CA HIS A 95 -4.47 -14.46 4.37
C HIS A 95 -3.77 -15.18 3.24
N VAL A 96 -3.96 -14.70 2.01
CA VAL A 96 -3.24 -15.32 0.90
C VAL A 96 -1.73 -15.11 1.08
N ARG A 97 -1.32 -13.91 1.50
CA ARG A 97 0.11 -13.69 1.71
C ARG A 97 0.62 -14.44 2.93
N GLU A 98 -0.27 -14.71 3.86
CA GLU A 98 0.13 -15.47 5.04
C GLU A 98 0.52 -16.91 4.68
N LYS A 99 0.20 -17.36 3.46
CA LYS A 99 0.72 -18.65 2.98
C LYS A 99 2.24 -18.60 2.76
N ALA A 100 2.75 -17.38 2.60
CA ALA A 100 4.17 -17.20 2.27
C ALA A 100 4.98 -16.51 3.36
N ILE A 101 4.38 -15.53 4.04
CA ILE A 101 5.10 -14.74 5.03
C ILE A 101 4.29 -14.53 6.32
N ASP A 102 4.87 -13.82 7.30
CA ASP A 102 4.16 -13.41 8.51
C ASP A 102 3.98 -11.88 8.52
N PHE A 103 3.02 -11.40 9.30
CA PHE A 103 2.84 -9.95 9.48
C PHE A 103 2.82 -9.61 10.96
N SER A 104 3.30 -8.42 11.30
CA SER A 104 2.99 -7.84 12.62
C SER A 104 1.50 -7.54 12.64
N LYS A 105 0.95 -7.25 13.83
CA LYS A 105 -0.41 -6.70 13.91
C LYS A 105 -0.47 -5.37 13.13
N PRO A 106 -1.67 -4.93 12.72
CA PRO A 106 -1.73 -3.75 11.85
C PRO A 106 -1.36 -2.45 12.57
N PHE A 107 -0.67 -1.56 11.84
CA PHE A 107 -0.36 -0.22 12.36
C PHE A 107 -1.31 0.82 11.77
N MET A 108 -2.10 0.41 10.78
CA MET A 108 -3.09 1.30 10.17
C MET A 108 -4.21 0.45 9.60
N THR A 109 -5.45 0.92 9.72
CA THR A 109 -6.57 0.22 9.11
C THR A 109 -7.13 1.02 7.95
N LEU A 110 -7.73 0.33 6.99
CA LEU A 110 -8.15 0.98 5.75
C LEU A 110 -9.14 0.08 5.04
N GLY A 111 -9.56 0.51 3.84
CA GLY A 111 -10.39 -0.34 3.00
C GLY A 111 -10.16 0.01 1.55
N VAL A 112 -10.62 -0.85 0.66
CA VAL A 112 -10.57 -0.54 -0.76
C VAL A 112 -11.68 0.43 -1.11
N SER A 113 -11.36 1.43 -1.92
CA SER A 113 -12.39 2.32 -2.43
C SER A 113 -11.99 2.72 -3.86
N ILE A 114 -12.62 3.77 -4.38
CA ILE A 114 -12.45 4.16 -5.77
C ILE A 114 -11.97 5.61 -5.88
N LEU A 115 -10.90 5.82 -6.64
CA LEU A 115 -10.40 7.16 -6.97
C LEU A 115 -10.81 7.53 -8.39
N TYR A 116 -11.45 8.68 -8.56
CA TYR A 116 -11.99 9.06 -9.87
C TYR A 116 -12.07 10.58 -10.00
N ARG A 117 -12.08 11.08 -11.23
CA ARG A 117 -12.23 12.51 -11.47
CA ARG A 117 -12.26 12.51 -11.50
C ARG A 117 -13.66 12.93 -11.12
N LYS A 118 -13.80 14.10 -10.50
CA LYS A 118 -15.16 14.62 -10.27
C LYS A 118 -15.78 14.86 -11.63
N GLY A 119 -17.04 14.50 -11.79
CA GLY A 119 -17.70 14.65 -13.08
C GLY A 119 -18.90 13.72 -13.16
N THR A 120 -18.73 12.58 -13.83
CA THR A 120 -19.80 11.61 -13.92
C THR A 120 -20.11 11.11 -12.52
N PRO A 121 -21.36 11.29 -12.08
CA PRO A 121 -21.76 10.99 -10.70
C PRO A 121 -22.00 9.50 -10.46
N ILE A 122 -21.03 8.65 -10.82
CA ILE A 122 -21.06 7.26 -10.37
C ILE A 122 -20.93 7.28 -8.85
N ASP A 123 -21.54 6.32 -8.17
CA ASP A 123 -21.59 6.37 -6.72
C ASP A 123 -21.08 5.08 -6.06
N SER A 124 -20.73 4.09 -6.87
CA SER A 124 -20.36 2.78 -6.33
C SER A 124 -19.67 1.88 -7.34
N ALA A 125 -19.06 0.81 -6.84
CA ALA A 125 -18.44 -0.20 -7.69
C ALA A 125 -19.46 -0.83 -8.64
N ASP A 126 -20.70 -0.98 -8.18
CA ASP A 126 -21.76 -1.52 -9.04
C ASP A 126 -21.97 -0.65 -10.28
N ASP A 127 -21.85 0.66 -10.11
CA ASP A 127 -21.98 1.58 -11.24
C ASP A 127 -20.87 1.33 -12.27
N LEU A 128 -19.69 0.97 -11.76
CA LEU A 128 -18.55 0.66 -12.61
C LEU A 128 -18.77 -0.70 -13.28
N ALA A 129 -19.18 -1.67 -12.48
CA ALA A 129 -19.26 -3.06 -12.91
C ALA A 129 -20.17 -3.28 -14.11
N LYS A 130 -21.25 -2.53 -14.19
CA LYS A 130 -22.26 -2.76 -15.21
C LYS A 130 -22.03 -1.99 -16.51
N GLN A 131 -20.85 -1.39 -16.67
CA GLN A 131 -20.52 -0.65 -17.89
C GLN A 131 -19.04 -0.78 -18.25
N THR A 132 -18.67 -0.24 -19.42
CA THR A 132 -17.28 -0.32 -19.87
C THR A 132 -16.74 1.01 -20.38
N LYS A 133 -17.61 1.98 -20.59
CA LYS A 133 -17.19 3.30 -21.04
C LYS A 133 -16.18 3.93 -20.08
N ILE A 134 -16.47 3.85 -18.78
CA ILE A 134 -15.50 4.25 -17.78
C ILE A 134 -14.65 3.04 -17.46
N GLU A 135 -13.38 3.10 -17.82
CA GLU A 135 -12.47 1.99 -17.58
C GLU A 135 -12.02 2.04 -16.12
N TYR A 136 -11.69 0.88 -15.56
CA TYR A 136 -11.26 0.83 -14.17
C TYR A 136 -10.24 -0.28 -13.96
N GLY A 137 -9.46 -0.15 -12.90
CA GLY A 137 -8.39 -1.10 -12.64
C GLY A 137 -7.75 -0.89 -11.29
N ALA A 138 -6.54 -1.43 -11.15
CA ALA A 138 -5.83 -1.43 -9.88
C ALA A 138 -4.34 -1.61 -10.13
N VAL A 139 -3.53 -1.46 -9.09
CA VAL A 139 -2.09 -1.66 -9.22
C VAL A 139 -1.77 -3.14 -9.43
N LYS A 140 -1.01 -3.43 -10.49
CA LYS A 140 -0.66 -4.80 -10.82
C LYS A 140 0.18 -5.44 -9.70
N ASP A 141 -0.17 -6.67 -9.32
CA ASP A 141 0.55 -7.44 -8.30
C ASP A 141 0.49 -6.84 -6.91
N GLY A 142 -0.60 -6.12 -6.64
CA GLY A 142 -0.88 -5.61 -5.32
C GLY A 142 -2.05 -6.34 -4.67
N ALA A 143 -2.34 -6.00 -3.43
CA ALA A 143 -3.40 -6.65 -2.68
C ALA A 143 -4.78 -6.37 -3.25
N THR A 144 -4.97 -5.17 -3.80
CA THR A 144 -6.28 -4.84 -4.35
C THR A 144 -6.58 -5.68 -5.59
N MET A 145 -5.61 -5.80 -6.49
CA MET A 145 -5.76 -6.70 -7.64
C MET A 145 -6.12 -8.11 -7.17
N THR A 146 -5.37 -8.62 -6.21
CA THR A 146 -5.59 -9.99 -5.73
C THR A 146 -6.99 -10.12 -5.10
N PHE A 147 -7.44 -9.09 -4.40
CA PHE A 147 -8.77 -9.09 -3.80
C PHE A 147 -9.84 -9.34 -4.87
N PHE A 148 -9.77 -8.61 -5.97
CA PHE A 148 -10.74 -8.83 -7.05
C PHE A 148 -10.55 -10.18 -7.73
N LYS A 149 -9.30 -10.56 -7.96
CA LYS A 149 -9.00 -11.84 -8.59
C LYS A 149 -9.61 -13.01 -7.81
N LYS A 150 -9.55 -12.94 -6.48
CA LYS A 150 -10.00 -14.08 -5.67
C LYS A 150 -11.44 -13.93 -5.15
N SER A 151 -12.11 -12.82 -5.46
CA SER A 151 -13.42 -12.55 -4.87
C SER A 151 -14.50 -13.56 -5.28
N LYS A 152 -15.38 -13.88 -4.33
CA LYS A 152 -16.56 -14.69 -4.66
C LYS A 152 -17.81 -13.81 -4.72
N ILE A 153 -17.62 -12.50 -4.61
CA ILE A 153 -18.73 -11.55 -4.74
C ILE A 153 -19.01 -11.32 -6.23
N SER A 154 -20.27 -11.45 -6.63
CA SER A 154 -20.62 -11.43 -8.06
C SER A 154 -20.18 -10.15 -8.80
N THR A 155 -20.42 -8.99 -8.17
CA THR A 155 -20.02 -7.73 -8.77
C THR A 155 -18.49 -7.65 -8.97
N PHE A 156 -17.74 -8.08 -7.97
CA PHE A 156 -16.28 -8.01 -8.04
C PHE A 156 -15.71 -9.00 -9.05
N GLU A 157 -16.36 -10.16 -9.17
CA GLU A 157 -16.04 -11.14 -10.21
C GLU A 157 -16.20 -10.51 -11.60
N LYS A 158 -17.31 -9.81 -11.81
CA LYS A 158 -17.53 -9.11 -13.07
C LYS A 158 -16.41 -8.10 -13.30
N MET A 159 -16.07 -7.37 -12.24
CA MET A 159 -15.03 -6.36 -12.35
C MET A 159 -13.68 -6.98 -12.65
N TRP A 160 -13.38 -8.12 -12.03
CA TRP A 160 -12.12 -8.80 -12.31
C TRP A 160 -12.07 -9.27 -13.76
N ALA A 161 -13.18 -9.81 -14.25
CA ALA A 161 -13.26 -10.28 -15.63
C ALA A 161 -12.91 -9.17 -16.65
N PHE A 162 -13.35 -7.96 -16.37
CA PHE A 162 -13.06 -6.82 -17.24
C PHE A 162 -11.61 -6.36 -17.09
N MET A 163 -11.21 -6.17 -15.84
CA MET A 163 -9.87 -5.70 -15.47
C MET A 163 -8.79 -6.54 -16.11
N SER A 164 -8.98 -7.86 -16.07
CA SER A 164 -7.96 -8.81 -16.49
C SER A 164 -7.95 -9.04 -18.00
N SER A 165 -8.96 -8.50 -18.69
CA SER A 165 -9.05 -8.60 -20.14
C SER A 165 -8.59 -7.30 -20.80
N LYS A 166 -8.52 -6.23 -20.02
CA LYS A 166 -8.13 -4.92 -20.51
C LYS A 166 -6.68 -4.68 -20.09
N PRO A 167 -5.73 -4.82 -21.03
CA PRO A 167 -4.30 -4.78 -20.71
C PRO A 167 -3.81 -3.42 -20.20
N SER A 168 -4.65 -2.40 -20.29
CA SER A 168 -4.29 -1.08 -19.79
C SER A 168 -4.76 -0.88 -18.34
N ALA A 169 -5.75 -1.67 -17.92
CA ALA A 169 -6.39 -1.47 -16.63
C ALA A 169 -5.46 -1.63 -15.44
N LEU A 170 -4.55 -2.60 -15.50
CA LEU A 170 -3.67 -2.86 -14.37
C LEU A 170 -2.38 -2.07 -14.52
N VAL A 171 -2.18 -1.12 -13.61
CA VAL A 171 -1.08 -0.17 -13.74
C VAL A 171 0.14 -0.60 -12.94
N LYS A 172 1.30 -0.06 -13.31
CA LYS A 172 2.57 -0.46 -12.70
C LYS A 172 2.66 -0.05 -11.24
N ASN A 173 2.12 1.12 -10.94
CA ASN A 173 2.15 1.60 -9.56
C ASN A 173 1.09 2.66 -9.32
N ASN A 174 0.97 3.08 -8.07
CA ASN A 174 -0.05 4.05 -7.67
C ASN A 174 0.02 5.33 -8.47
N GLU A 175 1.24 5.87 -8.57
CA GLU A 175 1.49 7.10 -9.27
C GLU A 175 0.98 7.02 -10.71
N GLU A 176 1.28 5.92 -11.37
CA GLU A 176 0.82 5.73 -12.74
C GLU A 176 -0.70 5.60 -12.78
N GLY A 177 -1.28 4.95 -11.76
CA GLY A 177 -2.73 4.86 -11.65
C GLY A 177 -3.38 6.23 -11.46
N ILE A 178 -2.82 7.05 -10.57
CA ILE A 178 -3.32 8.41 -10.36
C ILE A 178 -3.21 9.23 -11.64
N GLN A 179 -2.07 9.16 -12.32
CA GLN A 179 -1.93 9.88 -13.59
C GLN A 179 -3.00 9.44 -14.59
N ARG A 180 -3.35 8.17 -14.58
CA ARG A 180 -4.35 7.67 -15.51
C ARG A 180 -5.75 8.24 -15.21
N THR A 181 -6.07 8.38 -13.92
CA THR A 181 -7.34 8.99 -13.56
C THR A 181 -7.40 10.45 -14.00
N LEU A 182 -6.25 11.10 -14.06
CA LEU A 182 -6.18 12.51 -14.43
C LEU A 182 -6.16 12.73 -15.94
N THR A 183 -5.83 11.69 -16.71
CA THR A 183 -5.66 11.86 -18.15
C THR A 183 -6.64 11.05 -19.00
N ALA A 184 -7.36 10.13 -18.36
CA ALA A 184 -8.30 9.27 -19.09
C ALA A 184 -9.58 9.11 -18.28
N ASP A 185 -10.63 8.59 -18.91
CA ASP A 185 -11.85 8.27 -18.17
C ASP A 185 -11.66 6.92 -17.46
N TYR A 186 -10.92 6.98 -16.36
CA TYR A 186 -10.45 5.79 -15.70
C TYR A 186 -10.60 5.95 -14.19
N ALA A 187 -11.11 4.92 -13.54
CA ALA A 187 -11.28 4.93 -12.10
C ALA A 187 -10.31 3.93 -11.48
N LEU A 188 -9.57 4.36 -10.46
CA LEU A 188 -8.58 3.49 -9.83
C LEU A 188 -9.09 2.90 -8.54
N LEU A 189 -9.10 1.57 -8.45
CA LEU A 189 -9.40 0.87 -7.22
C LEU A 189 -8.15 0.89 -6.37
N MET A 190 -8.25 1.52 -5.20
CA MET A 190 -7.08 1.66 -4.36
CA MET A 190 -7.11 1.94 -4.40
C MET A 190 -7.48 1.89 -2.92
N GLU A 191 -6.48 1.88 -2.05
CA GLU A 191 -6.76 1.84 -0.62
C GLU A 191 -7.11 3.20 -0.05
N SER A 192 -8.02 3.22 0.91
CA SER A 192 -8.69 4.45 1.35
C SER A 192 -7.83 5.55 1.97
N THR A 193 -6.81 5.20 2.75
CA THR A 193 -6.02 6.27 3.38
C THR A 193 -5.14 6.98 2.35
N THR A 194 -4.76 6.26 1.32
CA THR A 194 -4.03 6.89 0.22
C THR A 194 -4.97 7.77 -0.61
N ILE A 195 -6.21 7.33 -0.81
CA ILE A 195 -7.20 8.17 -1.50
C ILE A 195 -7.42 9.47 -0.74
N GLU A 196 -7.50 9.37 0.58
CA GLU A 196 -7.64 10.54 1.44
C GLU A 196 -6.48 11.51 1.17
N TYR A 197 -5.27 10.98 1.11
CA TYR A 197 -4.07 11.78 0.86
C TYR A 197 -4.14 12.46 -0.50
N ILE A 198 -4.47 11.67 -1.53
CA ILE A 198 -4.52 12.17 -2.91
CA ILE A 198 -4.50 12.20 -2.90
C ILE A 198 -5.57 13.24 -3.13
N THR A 199 -6.78 12.99 -2.62
CA THR A 199 -7.89 13.91 -2.91
C THR A 199 -7.76 15.24 -2.19
N GLN A 200 -6.95 15.27 -1.13
CA GLN A 200 -6.68 16.52 -0.44
C GLN A 200 -5.68 17.39 -1.25
N ARG A 201 -4.90 16.75 -2.11
CA ARG A 201 -3.87 17.45 -2.89
C ARG A 201 -4.21 17.63 -4.36
N ASN A 202 -5.17 16.84 -4.83
CA ASN A 202 -5.62 16.91 -6.21
C ASN A 202 -7.13 17.14 -6.21
N CYS A 203 -7.53 18.41 -6.27
CA CYS A 203 -8.91 18.79 -5.99
C CYS A 203 -9.89 18.45 -7.10
N ASN A 204 -9.38 17.98 -8.24
CA ASN A 204 -10.24 17.48 -9.30
C ASN A 204 -10.51 15.98 -9.16
N LEU A 205 -9.87 15.35 -8.19
CA LEU A 205 -10.11 13.93 -7.93
C LEU A 205 -10.99 13.75 -6.70
N THR A 206 -11.72 12.64 -6.65
CA THR A 206 -12.59 12.39 -5.50
C THR A 206 -12.68 10.91 -5.20
N GLN A 207 -13.10 10.59 -3.98
CA GLN A 207 -13.36 9.20 -3.63
C GLN A 207 -14.81 8.85 -3.98
N ILE A 208 -15.00 7.69 -4.59
CA ILE A 208 -16.31 7.26 -5.03
C ILE A 208 -16.83 6.13 -4.15
N GLY A 209 -18.01 6.31 -3.56
CA GLY A 209 -18.57 5.32 -2.66
C GLY A 209 -17.79 5.23 -1.36
N GLY A 210 -18.12 4.25 -0.53
CA GLY A 210 -17.44 4.07 0.73
C GLY A 210 -16.32 3.04 0.60
N LEU A 211 -16.06 2.33 1.69
CA LEU A 211 -15.08 1.25 1.67
C LEU A 211 -15.72 -0.02 1.13
N ILE A 212 -15.01 -0.70 0.25
CA ILE A 212 -15.47 -1.96 -0.31
C ILE A 212 -15.26 -3.07 0.73
N ASP A 213 -14.19 -2.97 1.50
CA ASP A 213 -13.89 -3.96 2.51
C ASP A 213 -13.09 -3.33 3.64
N SER A 214 -12.55 -4.17 4.53
CA SER A 214 -11.77 -3.66 5.64
C SER A 214 -10.48 -4.45 5.77
N LYS A 215 -9.36 -3.75 5.94
CA LYS A 215 -8.09 -4.41 6.23
C LYS A 215 -7.06 -3.52 6.87
N GLY A 216 -5.86 -4.06 7.05
CA GLY A 216 -4.80 -3.36 7.76
C GLY A 216 -3.48 -3.48 7.02
N TYR A 217 -2.59 -2.53 7.26
CA TYR A 217 -1.19 -2.61 6.84
C TYR A 217 -0.38 -3.13 8.00
N GLY A 218 0.55 -4.03 7.72
CA GLY A 218 1.41 -4.57 8.76
C GLY A 218 2.83 -4.59 8.26
N ILE A 219 3.77 -4.74 9.18
CA ILE A 219 5.16 -4.99 8.81
C ILE A 219 5.34 -6.46 8.46
N GLY A 220 5.85 -6.72 7.27
CA GLY A 220 6.01 -8.11 6.84
C GLY A 220 7.34 -8.67 7.34
N THR A 221 7.35 -9.97 7.64
CA THR A 221 8.60 -10.64 8.00
C THR A 221 8.61 -12.02 7.37
N PRO A 222 9.80 -12.64 7.27
CA PRO A 222 9.78 -14.04 6.88
C PRO A 222 9.07 -14.85 7.94
N MET A 223 8.54 -16.00 7.55
CA MET A 223 7.87 -16.87 8.50
C MET A 223 8.83 -17.28 9.62
N GLY A 224 8.42 -17.12 10.86
CA GLY A 224 9.27 -17.51 11.98
C GLY A 224 10.31 -16.50 12.41
N SER A 225 10.18 -15.27 11.92
CA SER A 225 11.08 -14.18 12.33
C SER A 225 11.16 -14.00 13.84
N PRO A 226 12.38 -13.83 14.38
CA PRO A 226 12.55 -13.56 15.81
C PRO A 226 12.18 -12.12 16.16
N TYR A 227 11.86 -11.29 15.17
CA TYR A 227 11.53 -9.90 15.46
C TYR A 227 10.04 -9.62 15.42
N ARG A 228 9.26 -10.54 14.84
CA ARG A 228 7.85 -10.30 14.58
C ARG A 228 7.10 -9.95 15.87
N ASP A 229 7.27 -10.78 16.90
CA ASP A 229 6.48 -10.65 18.13
C ASP A 229 6.76 -9.35 18.90
N LYS A 230 8.04 -8.99 19.02
CA LYS A 230 8.38 -7.73 19.71
C LYS A 230 7.92 -6.50 18.92
N ILE A 231 8.06 -6.54 17.61
CA ILE A 231 7.49 -5.49 16.75
C ILE A 231 5.99 -5.35 16.94
N THR A 232 5.28 -6.47 16.98
CA THR A 232 3.85 -6.45 17.28
C THR A 232 3.52 -5.77 18.62
N ILE A 233 4.24 -6.13 19.68
CA ILE A 233 4.00 -5.50 20.99
C ILE A 233 4.20 -3.99 20.91
N ALA A 234 5.28 -3.57 20.26
CA ALA A 234 5.60 -2.15 20.18
C ALA A 234 4.53 -1.40 19.38
N ILE A 235 4.09 -1.99 18.26
CA ILE A 235 3.04 -1.37 17.46
C ILE A 235 1.74 -1.23 18.28
N LEU A 236 1.37 -2.26 19.02
CA LEU A 236 0.16 -2.22 19.81
C LEU A 236 0.21 -1.13 20.90
N GLN A 237 1.38 -0.95 21.50
CA GLN A 237 1.62 0.09 22.49
C GLN A 237 1.47 1.47 21.85
N LEU A 238 2.14 1.67 20.72
CA LEU A 238 2.10 2.96 20.03
C LEU A 238 0.67 3.31 19.67
N GLN A 239 -0.09 2.29 19.32
CA GLN A 239 -1.47 2.46 18.89
C GLN A 239 -2.34 2.88 20.06
N GLU A 240 -2.17 2.21 21.20
CA GLU A 240 -2.94 2.50 22.41
C GLU A 240 -2.70 3.91 22.95
N GLU A 241 -1.49 4.40 22.75
CA GLU A 241 -1.13 5.73 23.24
C GLU A 241 -1.38 6.81 22.18
N ASP A 242 -2.13 6.45 21.14
CA ASP A 242 -2.50 7.37 20.06
C ASP A 242 -1.31 7.96 19.29
N LYS A 243 -0.16 7.29 19.36
CA LYS A 243 1.02 7.77 18.65
C LYS A 243 0.92 7.58 17.14
N LEU A 244 0.21 6.53 16.73
CA LEU A 244 0.10 6.26 15.30
C LEU A 244 -0.89 7.26 14.67
N HIS A 245 -1.91 7.62 15.44
CA HIS A 245 -2.86 8.65 14.99
C HIS A 245 -2.16 10.00 14.79
N ILE A 246 -1.29 10.35 15.72
CA ILE A 246 -0.51 11.59 15.63
C ILE A 246 0.46 11.55 14.45
N MET A 247 1.08 10.40 14.23
CA MET A 247 2.03 10.21 13.14
C MET A 247 1.32 10.35 11.80
N LYS A 248 0.13 9.76 11.69
CA LYS A 248 -0.65 9.91 10.46
C LYS A 248 -1.03 11.37 10.21
N GLU A 249 -1.49 12.06 11.25
CA GLU A 249 -1.86 13.46 11.12
C GLU A 249 -0.67 14.26 10.62
N LYS A 250 0.52 13.95 11.13
CA LYS A 250 1.76 14.58 10.66
C LYS A 250 1.93 14.52 9.14
N TRP A 251 1.79 13.32 8.58
CA TRP A 251 2.09 13.12 7.15
C TRP A 251 0.91 13.41 6.22
N TRP A 252 -0.30 13.40 6.75
CA TRP A 252 -1.49 13.64 5.94
C TRP A 252 -1.91 15.11 5.95
N ARG A 253 -1.52 15.86 6.97
CA ARG A 253 -2.07 17.21 7.12
C ARG A 253 -1.63 18.14 5.99
N GLY A 254 -2.47 19.12 5.68
CA GLY A 254 -2.19 20.08 4.63
C GLY A 254 -3.41 20.91 4.30
N SER A 255 -3.29 21.76 3.27
CA SER A 255 -4.41 22.59 2.84
C SER A 255 -5.42 21.76 2.07
N GLY A 256 -6.69 21.93 2.38
CA GLY A 256 -7.76 21.20 1.71
C GLY A 256 -8.10 21.77 0.34
N CYS A 257 -9.30 21.44 -0.12
CA CYS A 257 -9.78 21.88 -1.42
C CYS A 257 -11.02 22.77 -1.26
N PRO A 258 -11.36 23.53 -2.31
CA PRO A 258 -12.64 24.26 -2.24
C PRO A 258 -13.83 23.31 -2.11
#